data_8DW1
#
_entry.id   8DW1
#
_cell.length_a   55.126
_cell.length_b   145.786
_cell.length_c   46.872
_cell.angle_alpha   90.000
_cell.angle_beta   90.000
_cell.angle_gamma   90.000
#
_symmetry.space_group_name_H-M   'P 21 21 2'
#
loop_
_entity.id
_entity.type
_entity.pdbx_description
1 polymer 'reverse transcriptase'
2 polymer "DNA (5'-D(*CP*TP*TP*AP*GP*TP*TP*A)-3')"
3 polymer "DNA (5'-D(P*TP*AP*AP*CP*TP*AP*AP*G)-3')"
4 water water
#
loop_
_entity_poly.entity_id
_entity_poly.type
_entity_poly.pdbx_seq_one_letter_code
_entity_poly.pdbx_strand_id
1 'polypeptide(L)'
;GSHMTWLSDFPQAWAETGGMGLAVRQAPLIIPLKATSTPVSIKQYPMSQEARLGIKPHIQRLLDQGILVPCQSPWNTPLL
PVKKPGTNDYRPVQDLREVNKRVEDIHPTVPNPYNLLSGLPPSHQWYTVLDLKDAFFCLRLHPTSQPLFAFEWRDPEMGI
SGQLTWTRLPQGFKNSPTLFDEALHRDLADFRIQHPDLILLQYVDDLLLAATSELDCQQGTRALLQTLGNLGYRASAKKA
QICQKQVKYLGYLLKEGQRLTRGSGC
;
A
2 'polydeoxyribonucleotide' (DC)(DT)(DT)(DA)(DG)(DT)(DT)(DA) D
3 'polydeoxyribonucleotide' (DT)(DA)(DA)(DC)(DT)(DA)(DA)(DG) G
#
# COMPACT_ATOMS: atom_id res chain seq x y z
N THR A 5 3.04 25.28 7.03
CA THR A 5 1.93 24.43 7.42
C THR A 5 2.38 22.99 7.59
N TRP A 6 1.41 22.08 7.65
CA TRP A 6 1.70 20.66 7.83
C TRP A 6 2.64 20.13 6.76
N LEU A 7 2.45 20.57 5.53
CA LEU A 7 3.27 20.09 4.43
C LEU A 7 4.75 20.41 4.63
N SER A 8 5.03 21.59 5.17
CA SER A 8 6.41 22.06 5.29
C SER A 8 7.18 21.41 6.45
N ASP A 9 6.51 21.17 7.56
CA ASP A 9 7.16 20.58 8.73
C ASP A 9 7.55 19.11 8.55
N PHE A 10 6.89 18.41 7.63
CA PHE A 10 7.09 16.98 7.44
C PHE A 10 7.28 16.61 5.98
N PRO A 11 8.43 17.00 5.41
CA PRO A 11 8.64 16.79 3.97
C PRO A 11 8.75 15.31 3.63
N GLN A 12 9.25 14.53 4.59
CA GLN A 12 9.50 13.11 4.38
C GLN A 12 8.21 12.29 4.44
N ALA A 13 7.22 12.80 5.15
CA ALA A 13 5.98 12.06 5.37
C ALA A 13 5.01 12.13 4.19
N TRP A 14 5.13 13.15 3.36
CA TRP A 14 4.15 13.34 2.29
C TRP A 14 4.65 12.83 0.95
N ALA A 15 3.78 12.18 0.20
CA ALA A 15 4.15 11.63 -1.09
C ALA A 15 4.59 12.77 -1.99
N GLU A 16 3.98 13.92 -1.79
CA GLU A 16 4.22 15.09 -2.63
C GLU A 16 5.66 15.56 -2.55
N THR A 17 6.29 15.32 -1.40
CA THR A 17 7.63 15.86 -1.15
C THR A 17 8.71 14.83 -0.83
N GLY A 18 8.33 13.68 -0.30
CA GLY A 18 9.32 12.74 0.21
C GLY A 18 9.83 11.70 -0.77
N GLY A 19 9.24 11.67 -1.96
CA GLY A 19 9.60 10.68 -2.96
C GLY A 19 8.82 9.39 -2.76
N MET A 20 9.08 8.42 -3.63
CA MET A 20 8.42 7.12 -3.53
C MET A 20 8.86 6.43 -2.24
N GLY A 21 7.93 5.78 -1.57
CA GLY A 21 8.24 5.13 -0.32
C GLY A 21 9.00 3.81 -0.46
N LEU A 22 9.47 3.33 0.68
CA LEU A 22 10.15 2.05 0.79
C LEU A 22 10.20 1.79 2.28
N ALA A 23 9.57 0.70 2.72
CA ALA A 23 9.50 0.36 4.14
C ALA A 23 10.81 -0.27 4.61
N VAL A 24 11.72 0.57 5.10
CA VAL A 24 13.09 0.14 5.39
C VAL A 24 13.24 -0.89 6.52
N ARG A 25 12.26 -0.98 7.40
CA ARG A 25 12.37 -1.91 8.52
C ARG A 25 11.84 -3.29 8.17
N GLN A 26 11.17 -3.40 7.01
CA GLN A 26 10.50 -4.63 6.62
C GLN A 26 11.37 -5.48 5.71
N ALA A 27 11.63 -6.72 6.13
CA ALA A 27 12.40 -7.65 5.30
C ALA A 27 11.65 -7.93 3.98
N PRO A 28 12.40 -8.06 2.87
CA PRO A 28 11.76 -8.40 1.59
C PRO A 28 10.91 -9.66 1.72
N LEU A 29 9.68 -9.60 1.20
CA LEU A 29 8.69 -10.66 1.43
C LEU A 29 8.93 -11.87 0.55
N ILE A 30 8.84 -13.05 1.15
CA ILE A 30 8.90 -14.30 0.39
C ILE A 30 7.47 -14.82 0.28
N ILE A 31 7.07 -15.21 -0.91
CA ILE A 31 5.69 -15.63 -1.18
C ILE A 31 5.63 -17.14 -1.42
N PRO A 32 5.17 -17.91 -0.42
CA PRO A 32 5.15 -19.36 -0.56
C PRO A 32 4.09 -19.85 -1.53
N LEU A 33 4.48 -20.81 -2.35
CA LEU A 33 3.56 -21.44 -3.30
C LEU A 33 2.87 -22.61 -2.63
N LYS A 34 1.67 -22.95 -3.13
CA LYS A 34 1.03 -24.20 -2.75
C LYS A 34 1.94 -25.38 -3.10
N ALA A 35 1.73 -26.51 -2.44
CA ALA A 35 2.70 -27.62 -2.48
C ALA A 35 2.87 -28.24 -3.85
N THR A 36 1.82 -28.18 -4.67
CA THR A 36 1.85 -28.80 -5.99
C THR A 36 2.05 -27.81 -7.16
N SER A 37 2.12 -26.51 -6.88
CA SER A 37 2.25 -25.51 -7.94
C SER A 37 3.50 -25.62 -8.82
N THR A 38 3.33 -25.36 -10.12
CA THR A 38 4.46 -25.10 -11.00
C THR A 38 4.13 -23.83 -11.80
N PRO A 39 5.15 -23.21 -12.41
CA PRO A 39 4.93 -21.94 -13.11
C PRO A 39 3.90 -22.07 -14.23
N VAL A 40 3.15 -20.99 -14.44
CA VAL A 40 2.23 -20.90 -15.56
C VAL A 40 2.66 -19.69 -16.36
N SER A 41 2.71 -19.86 -17.68
CA SER A 41 3.11 -18.78 -18.56
C SER A 41 1.97 -18.50 -19.53
N ILE A 42 1.25 -17.41 -19.29
CA ILE A 42 0.09 -17.08 -20.11
C ILE A 42 0.48 -16.05 -21.15
N LYS A 43 0.10 -16.31 -22.40
CA LYS A 43 0.50 -15.45 -23.50
C LYS A 43 -0.12 -14.06 -23.34
N GLN A 44 0.60 -13.04 -23.77
CA GLN A 44 0.07 -11.68 -23.70
C GLN A 44 -0.88 -11.45 -24.87
N TYR A 45 -2.11 -11.04 -24.59
CA TYR A 45 -3.03 -10.66 -25.66
C TYR A 45 -2.43 -9.46 -26.38
N PRO A 46 -2.43 -9.50 -27.72
CA PRO A 46 -1.83 -8.39 -28.46
C PRO A 46 -2.43 -7.05 -28.03
N MET A 47 -1.57 -6.06 -27.88
CA MET A 47 -2.02 -4.77 -27.40
C MET A 47 -1.99 -3.77 -28.55
N SER A 48 -3.05 -2.98 -28.69
CA SER A 48 -3.08 -1.92 -29.70
C SER A 48 -2.03 -0.86 -29.41
N GLN A 49 -1.61 -0.14 -30.44
CA GLN A 49 -0.66 0.92 -30.22
C GLN A 49 -1.25 1.95 -29.25
N GLU A 50 -2.55 2.22 -29.36
CA GLU A 50 -3.16 3.21 -28.50
C GLU A 50 -2.93 2.84 -27.03
N ALA A 51 -3.19 1.58 -26.71
CA ALA A 51 -3.03 1.10 -25.35
C ALA A 51 -1.55 1.15 -24.94
N ARG A 52 -0.68 0.66 -25.82
CA ARG A 52 0.76 0.64 -25.56
CA ARG A 52 0.76 0.64 -25.56
C ARG A 52 1.30 2.04 -25.23
N LEU A 53 0.93 3.03 -26.05
CA LEU A 53 1.37 4.40 -25.80
C LEU A 53 0.79 4.97 -24.52
N GLY A 54 -0.43 4.55 -24.18
CA GLY A 54 -1.05 5.00 -22.95
C GLY A 54 -0.30 4.47 -21.73
N ILE A 55 0.07 3.21 -21.80
CA ILE A 55 0.70 2.51 -20.67
C ILE A 55 2.19 2.86 -20.50
N LYS A 56 2.85 3.09 -21.64
CA LYS A 56 4.30 3.30 -21.70
C LYS A 56 4.94 4.20 -20.63
N PRO A 57 4.40 5.42 -20.42
CA PRO A 57 5.11 6.28 -19.46
C PRO A 57 4.96 5.81 -18.02
N HIS A 58 3.89 5.06 -17.73
CA HIS A 58 3.75 4.44 -16.43
C HIS A 58 4.82 3.38 -16.23
N ILE A 59 5.03 2.55 -17.24
CA ILE A 59 6.07 1.55 -17.21
C ILE A 59 7.45 2.17 -17.10
N GLN A 60 7.69 3.25 -17.84
CA GLN A 60 8.99 3.91 -17.76
C GLN A 60 9.24 4.50 -16.37
N ARG A 61 8.22 5.11 -15.78
CA ARG A 61 8.36 5.66 -14.44
C ARG A 61 8.69 4.57 -13.41
N LEU A 62 8.02 3.44 -13.51
CA LEU A 62 8.27 2.33 -12.59
C LEU A 62 9.67 1.75 -12.76
N LEU A 63 10.13 1.69 -14.00
CA LEU A 63 11.51 1.26 -14.27
C LEU A 63 12.49 2.27 -13.67
N ASP A 64 12.24 3.56 -13.89
CA ASP A 64 13.09 4.60 -13.32
C ASP A 64 13.16 4.49 -11.80
N GLN A 65 12.02 4.17 -11.17
CA GLN A 65 11.93 4.03 -9.72
C GLN A 65 12.47 2.71 -9.18
N GLY A 66 12.80 1.77 -10.07
CA GLY A 66 13.30 0.46 -9.64
C GLY A 66 12.20 -0.46 -9.13
N ILE A 67 10.96 -0.07 -9.37
CA ILE A 67 9.80 -0.87 -8.96
C ILE A 67 9.54 -2.01 -9.95
N LEU A 68 9.81 -1.75 -11.24
CA LEU A 68 9.90 -2.80 -12.25
C LEU A 68 11.35 -2.99 -12.66
N VAL A 69 11.74 -4.25 -12.89
CA VAL A 69 13.05 -4.57 -13.48
C VAL A 69 12.90 -5.61 -14.58
N PRO A 70 13.82 -5.63 -15.54
CA PRO A 70 13.78 -6.69 -16.56
C PRO A 70 13.99 -8.05 -15.91
N CYS A 71 13.49 -9.10 -16.54
CA CYS A 71 13.74 -10.45 -16.06
C CYS A 71 13.44 -11.49 -17.13
N GLN A 72 13.85 -12.72 -16.85
CA GLN A 72 13.43 -13.88 -17.62
C GLN A 72 12.82 -14.84 -16.62
N SER A 73 11.55 -15.18 -16.81
CA SER A 73 10.84 -16.00 -15.83
C SER A 73 9.97 -17.02 -16.54
N PRO A 74 9.84 -18.22 -15.95
CA PRO A 74 8.92 -19.25 -16.44
C PRO A 74 7.47 -18.87 -16.12
N TRP A 75 7.27 -17.84 -15.29
CA TRP A 75 5.94 -17.33 -15.03
C TRP A 75 5.66 -16.18 -15.98
N ASN A 76 4.42 -16.05 -16.42
CA ASN A 76 3.98 -14.87 -17.16
C ASN A 76 2.47 -14.71 -17.07
N THR A 77 2.03 -13.49 -16.77
CA THR A 77 0.61 -13.18 -16.79
C THR A 77 0.37 -11.94 -17.63
N PRO A 78 -0.87 -11.78 -18.14
CA PRO A 78 -1.12 -10.71 -19.10
C PRO A 78 -1.43 -9.37 -18.47
N LEU A 79 -1.02 -8.31 -19.16
CA LEU A 79 -1.50 -6.96 -18.90
C LEU A 79 -2.78 -6.76 -19.71
N LEU A 80 -3.75 -6.04 -19.18
CA LEU A 80 -4.99 -5.84 -19.94
C LEU A 80 -4.82 -4.85 -21.09
N PRO A 81 -5.23 -5.25 -22.31
CA PRO A 81 -5.09 -4.45 -23.54
C PRO A 81 -5.99 -3.21 -23.55
N VAL A 82 -6.90 -3.13 -22.59
CA VAL A 82 -7.76 -1.95 -22.43
C VAL A 82 -7.69 -1.46 -20.97
N TYR A 90 -5.21 5.65 -19.84
CA TYR A 90 -4.81 4.28 -19.60
C TYR A 90 -4.04 4.12 -18.28
N ARG A 91 -3.56 2.91 -18.03
CA ARG A 91 -2.82 2.54 -16.82
C ARG A 91 -2.81 1.01 -16.72
N PRO A 92 -1.63 0.44 -16.46
CA PRO A 92 -1.44 -1.00 -16.64
C PRO A 92 -2.14 -1.80 -15.56
N VAL A 93 -2.94 -2.79 -15.93
CA VAL A 93 -3.59 -3.67 -14.97
C VAL A 93 -3.24 -5.11 -15.30
N GLN A 94 -2.64 -5.80 -14.33
CA GLN A 94 -2.17 -7.15 -14.55
C GLN A 94 -3.20 -8.18 -14.08
N ASP A 95 -3.49 -9.17 -14.91
CA ASP A 95 -4.37 -10.27 -14.51
C ASP A 95 -3.55 -11.34 -13.81
N LEU A 96 -3.50 -11.26 -12.49
CA LEU A 96 -2.73 -12.22 -11.69
C LEU A 96 -3.55 -13.39 -11.18
N ARG A 97 -4.74 -13.60 -11.74
CA ARG A 97 -5.58 -14.69 -11.22
C ARG A 97 -4.93 -16.07 -11.26
N GLU A 98 -4.20 -16.40 -12.33
CA GLU A 98 -3.54 -17.72 -12.41
C GLU A 98 -2.37 -17.84 -11.46
N VAL A 99 -1.72 -16.72 -11.15
CA VAL A 99 -0.71 -16.74 -10.11
C VAL A 99 -1.36 -16.89 -8.73
N ASN A 100 -2.42 -16.13 -8.47
CA ASN A 100 -3.13 -16.19 -7.19
C ASN A 100 -3.54 -17.62 -6.85
N LYS A 101 -4.01 -18.36 -7.86
CA LYS A 101 -4.43 -19.76 -7.65
C LYS A 101 -3.30 -20.68 -7.20
N ARG A 102 -2.06 -20.29 -7.49
CA ARG A 102 -0.92 -21.16 -7.19
C ARG A 102 -0.19 -20.77 -5.90
N VAL A 103 -0.62 -19.66 -5.29
CA VAL A 103 0.04 -19.16 -4.10
C VAL A 103 -0.70 -19.65 -2.86
N GLU A 104 0.05 -20.06 -1.85
CA GLU A 104 -0.57 -20.57 -0.62
C GLU A 104 -1.43 -19.48 0.04
N ASP A 105 -2.65 -19.86 0.44
CA ASP A 105 -3.54 -18.95 1.16
C ASP A 105 -2.99 -18.55 2.54
N ILE A 106 -3.27 -17.31 2.93
CA ILE A 106 -2.98 -16.86 4.29
C ILE A 106 -4.30 -16.46 4.99
N HIS A 107 -4.30 -16.43 6.31
CA HIS A 107 -5.51 -16.04 7.02
C HIS A 107 -5.82 -14.58 6.78
N PRO A 108 -7.08 -14.24 6.49
CA PRO A 108 -7.43 -12.84 6.23
C PRO A 108 -7.57 -12.10 7.56
N THR A 109 -6.59 -11.24 7.88
CA THR A 109 -6.57 -10.57 9.17
C THR A 109 -7.04 -9.11 9.11
N VAL A 110 -7.36 -8.61 7.93
CA VAL A 110 -7.85 -7.24 7.83
C VAL A 110 -9.30 -7.20 8.30
N PRO A 111 -9.57 -6.43 9.37
CA PRO A 111 -10.93 -6.38 9.93
C PRO A 111 -11.90 -5.71 8.97
N ASN A 112 -13.18 -6.08 8.96
CA ASN A 112 -14.12 -5.33 8.13
C ASN A 112 -14.33 -3.94 8.74
N PRO A 113 -14.55 -2.94 7.88
CA PRO A 113 -14.63 -1.57 8.38
C PRO A 113 -15.68 -1.41 9.48
N TYR A 114 -16.79 -2.16 9.41
CA TYR A 114 -17.81 -2.00 10.44
C TYR A 114 -17.22 -2.35 11.81
N ASN A 115 -16.55 -3.49 11.88
CA ASN A 115 -15.92 -3.93 13.12
C ASN A 115 -14.78 -3.02 13.57
N LEU A 116 -13.98 -2.56 12.62
CA LEU A 116 -12.89 -1.65 12.95
C LEU A 116 -13.41 -0.39 13.62
N LEU A 117 -14.50 0.17 13.10
CA LEU A 117 -15.03 1.42 13.62
C LEU A 117 -15.68 1.28 15.00
N SER A 118 -16.08 0.07 15.34
CA SER A 118 -16.59 -0.21 16.68
C SER A 118 -15.52 0.12 17.72
N GLY A 119 -14.26 0.19 17.29
CA GLY A 119 -13.16 0.49 18.18
C GLY A 119 -12.94 1.98 18.41
N LEU A 120 -13.93 2.79 18.05
CA LEU A 120 -13.84 4.23 18.22
C LEU A 120 -14.73 4.69 19.37
N PRO A 121 -14.12 5.13 20.48
CA PRO A 121 -14.86 5.59 21.67
C PRO A 121 -15.42 7.00 21.49
N PRO A 122 -16.55 7.29 22.14
CA PRO A 122 -17.22 8.60 22.02
C PRO A 122 -16.33 9.71 22.57
N SER A 123 -15.33 9.32 23.35
CA SER A 123 -14.43 10.26 24.02
C SER A 123 -13.44 10.95 23.07
N HIS A 124 -13.07 10.25 22.00
CA HIS A 124 -12.13 10.81 21.03
C HIS A 124 -12.88 11.33 19.81
N GLN A 125 -13.00 12.64 19.71
CA GLN A 125 -13.80 13.24 18.64
C GLN A 125 -13.03 14.25 17.80
N TRP A 126 -11.73 14.36 18.06
CA TRP A 126 -10.83 15.10 17.18
C TRP A 126 -10.09 14.12 16.29
N TYR A 127 -10.31 14.21 14.97
CA TYR A 127 -9.80 13.19 14.04
C TYR A 127 -8.75 13.68 13.05
N THR A 128 -7.84 12.78 12.71
CA THR A 128 -6.95 12.98 11.56
C THR A 128 -7.06 11.75 10.67
N VAL A 129 -7.31 11.97 9.37
CA VAL A 129 -7.32 10.86 8.43
C VAL A 129 -6.21 10.99 7.39
N LEU A 130 -5.41 9.94 7.27
CA LEU A 130 -4.35 9.88 6.28
C LEU A 130 -4.59 8.66 5.39
N ASP A 131 -4.28 8.79 4.10
CA ASP A 131 -4.16 7.60 3.27
C ASP A 131 -2.76 7.51 2.67
N LEU A 132 -2.21 6.30 2.68
CA LEU A 132 -0.85 6.09 2.22
C LEU A 132 -0.86 5.92 0.70
N LYS A 133 0.05 6.61 0.06
CA LYS A 133 0.19 6.60 -1.39
C LYS A 133 1.08 5.44 -1.84
N ASP A 134 0.61 4.70 -2.84
CA ASP A 134 1.36 3.57 -3.39
C ASP A 134 1.83 2.65 -2.29
N ALA A 135 0.92 2.31 -1.37
CA ALA A 135 1.24 1.54 -0.17
C ALA A 135 1.96 0.24 -0.46
N PHE A 136 1.39 -0.57 -1.35
CA PHE A 136 1.93 -1.91 -1.60
C PHE A 136 3.35 -1.77 -2.10
N PHE A 137 3.59 -0.75 -2.93
CA PHE A 137 4.92 -0.55 -3.49
C PHE A 137 6.00 -0.22 -2.44
N CYS A 138 5.59 0.12 -1.21
CA CYS A 138 6.56 0.34 -0.14
C CYS A 138 7.16 -0.96 0.37
N LEU A 139 6.47 -2.07 0.15
CA LEU A 139 6.97 -3.37 0.62
C LEU A 139 7.83 -4.09 -0.42
N ARG A 140 9.08 -4.38 -0.07
CA ARG A 140 9.95 -5.08 -1.00
C ARG A 140 9.58 -6.55 -1.12
N LEU A 141 9.81 -7.09 -2.31
CA LEU A 141 9.64 -8.51 -2.60
CA LEU A 141 9.66 -8.52 -2.55
C LEU A 141 11.03 -9.17 -2.61
N HIS A 142 11.16 -10.31 -1.94
CA HIS A 142 12.43 -11.03 -1.97
C HIS A 142 12.72 -11.43 -3.42
N PRO A 143 13.98 -11.31 -3.85
CA PRO A 143 14.34 -11.72 -5.22
C PRO A 143 13.86 -13.12 -5.61
N THR A 144 13.73 -14.07 -4.67
CA THR A 144 13.25 -15.41 -5.03
CA THR A 144 13.25 -15.40 -5.05
C THR A 144 11.79 -15.39 -5.46
N SER A 145 11.02 -14.43 -4.94
CA SER A 145 9.60 -14.34 -5.26
C SER A 145 9.29 -13.38 -6.41
N GLN A 146 10.25 -12.56 -6.81
CA GLN A 146 9.99 -11.59 -7.88
C GLN A 146 9.54 -12.23 -9.20
N PRO A 147 10.17 -13.34 -9.63
CA PRO A 147 9.80 -13.89 -10.95
C PRO A 147 8.34 -14.35 -11.05
N LEU A 148 7.68 -14.60 -9.92
CA LEU A 148 6.26 -14.98 -9.91
C LEU A 148 5.36 -14.03 -10.70
N PHE A 149 5.71 -12.75 -10.67
CA PHE A 149 4.81 -11.70 -11.11
C PHE A 149 5.15 -11.12 -12.47
N ALA A 150 5.93 -11.85 -13.26
CA ALA A 150 6.46 -11.33 -14.52
C ALA A 150 5.36 -11.13 -15.57
N PHE A 151 5.56 -10.15 -16.43
CA PHE A 151 4.67 -9.94 -17.58
C PHE A 151 5.53 -9.50 -18.76
N GLU A 152 4.95 -9.55 -19.96
CA GLU A 152 5.70 -9.19 -21.16
C GLU A 152 5.61 -7.69 -21.45
N TRP A 153 6.72 -7.09 -21.87
CA TRP A 153 6.66 -5.71 -22.35
C TRP A 153 7.45 -5.50 -23.64
N ARG A 154 6.80 -4.96 -24.66
CA ARG A 154 7.47 -4.68 -25.93
C ARG A 154 7.27 -3.23 -26.39
N SER A 161 12.04 -6.36 -26.75
CA SER A 161 11.01 -7.25 -26.21
C SER A 161 11.58 -8.23 -25.18
N GLY A 162 10.86 -8.37 -24.07
CA GLY A 162 11.25 -9.30 -23.02
C GLY A 162 10.24 -9.19 -21.90
N GLN A 163 10.59 -9.70 -20.73
CA GLN A 163 9.70 -9.62 -19.59
C GLN A 163 10.18 -8.58 -18.60
N LEU A 164 9.25 -8.05 -17.82
CA LEU A 164 9.57 -7.23 -16.66
C LEU A 164 8.91 -7.89 -15.45
N THR A 165 9.42 -7.58 -14.26
CA THR A 165 8.69 -7.99 -13.06
C THR A 165 8.81 -6.97 -11.93
N TRP A 166 8.04 -7.22 -10.87
CA TRP A 166 7.91 -6.30 -9.75
C TRP A 166 8.97 -6.60 -8.70
N THR A 167 9.55 -5.56 -8.12
CA THR A 167 10.48 -5.75 -6.99
C THR A 167 9.77 -5.39 -5.68
N ARG A 168 8.51 -4.98 -5.80
CA ARG A 168 7.69 -4.63 -4.64
C ARG A 168 6.36 -5.41 -4.70
N LEU A 169 5.67 -5.45 -3.57
CA LEU A 169 4.36 -6.08 -3.49
C LEU A 169 3.40 -5.51 -4.55
N PRO A 170 2.86 -6.37 -5.43
CA PRO A 170 2.12 -5.85 -6.60
C PRO A 170 0.61 -5.72 -6.39
N GLN A 171 0.02 -4.81 -7.15
CA GLN A 171 -1.44 -4.71 -7.23
C GLN A 171 -1.96 -5.97 -7.89
N GLY A 172 -3.16 -6.40 -7.49
CA GLY A 172 -3.80 -7.54 -8.12
C GLY A 172 -3.43 -8.91 -7.54
N PHE A 173 -2.46 -8.91 -6.61
CA PHE A 173 -2.03 -10.13 -5.93
C PHE A 173 -2.92 -10.32 -4.71
N LYS A 174 -3.43 -11.54 -4.52
CA LYS A 174 -4.53 -11.75 -3.57
C LYS A 174 -4.14 -11.47 -2.12
N ASN A 175 -2.86 -11.63 -1.78
CA ASN A 175 -2.41 -11.40 -0.42
C ASN A 175 -1.85 -10.02 -0.14
N SER A 176 -1.85 -9.13 -1.12
CA SER A 176 -1.24 -7.81 -0.89
C SER A 176 -1.87 -7.01 0.26
N PRO A 177 -3.22 -6.92 0.31
CA PRO A 177 -3.84 -6.11 1.37
C PRO A 177 -3.53 -6.65 2.76
N THR A 178 -3.64 -7.96 2.93
CA THR A 178 -3.31 -8.57 4.23
C THR A 178 -1.83 -8.40 4.63
N LEU A 179 -0.92 -8.66 3.70
CA LEU A 179 0.50 -8.52 4.00
C LEU A 179 0.85 -7.08 4.29
N PHE A 180 0.22 -6.15 3.59
CA PHE A 180 0.54 -4.76 3.87
C PHE A 180 0.01 -4.35 5.25
N ASP A 181 -1.22 -4.76 5.56
CA ASP A 181 -1.85 -4.39 6.83
C ASP A 181 -1.01 -4.94 7.98
N GLU A 182 -0.55 -6.19 7.84
CA GLU A 182 0.27 -6.79 8.89
C GLU A 182 1.63 -6.09 9.03
N ALA A 183 2.22 -5.68 7.91
CA ALA A 183 3.52 -5.02 7.96
C ALA A 183 3.40 -3.67 8.65
N LEU A 184 2.38 -2.92 8.28
CA LEU A 184 2.19 -1.61 8.90
C LEU A 184 1.90 -1.75 10.38
N HIS A 185 1.12 -2.75 10.76
CA HIS A 185 0.89 -3.02 12.19
C HIS A 185 2.20 -3.25 12.95
N ARG A 186 3.11 -4.05 12.37
CA ARG A 186 4.41 -4.24 13.02
C ARG A 186 5.17 -2.92 13.14
N ASP A 187 5.18 -2.13 12.07
CA ASP A 187 5.90 -0.86 12.07
C ASP A 187 5.29 0.18 13.03
N LEU A 188 3.99 0.10 13.28
CA LEU A 188 3.36 1.12 14.13
C LEU A 188 3.11 0.65 15.58
N ALA A 189 3.60 -0.54 15.91
CA ALA A 189 3.42 -1.09 17.26
C ALA A 189 4.02 -0.15 18.31
N ASP A 190 5.22 0.34 18.05
CA ASP A 190 5.87 1.23 19.01
C ASP A 190 5.11 2.54 19.20
N PHE A 191 4.66 3.11 18.09
CA PHE A 191 3.89 4.35 18.13
C PHE A 191 2.70 4.20 19.06
N ARG A 192 1.96 3.10 18.92
CA ARG A 192 0.81 2.82 19.76
C ARG A 192 1.18 2.82 21.25
N ILE A 193 2.33 2.21 21.55
CA ILE A 193 2.82 2.13 22.92
C ILE A 193 3.25 3.50 23.46
N GLN A 194 3.86 4.32 22.61
CA GLN A 194 4.31 5.64 23.03
C GLN A 194 3.17 6.64 23.18
N HIS A 195 2.02 6.32 22.60
CA HIS A 195 0.86 7.20 22.66
C HIS A 195 -0.40 6.43 23.04
N PRO A 196 -0.45 5.94 24.29
CA PRO A 196 -1.48 5.01 24.77
C PRO A 196 -2.88 5.64 24.91
N ASP A 197 -2.96 6.96 24.82
CA ASP A 197 -4.25 7.64 24.89
C ASP A 197 -4.90 7.78 23.52
N LEU A 198 -4.07 7.85 22.48
CA LEU A 198 -4.56 7.98 21.11
C LEU A 198 -5.22 6.70 20.61
N ILE A 199 -6.18 6.87 19.70
CA ILE A 199 -6.80 5.74 19.02
C ILE A 199 -6.32 5.75 17.57
N LEU A 200 -5.71 4.65 17.15
CA LEU A 200 -5.26 4.54 15.75
C LEU A 200 -5.97 3.39 15.08
N LEU A 201 -6.76 3.69 14.05
CA LEU A 201 -7.43 2.66 13.27
C LEU A 201 -6.67 2.45 11.97
N GLN A 202 -6.41 1.19 11.61
CA GLN A 202 -5.72 0.89 10.36
C GLN A 202 -6.57 -0.01 9.49
N TYR A 203 -6.82 0.42 8.27
CA TYR A 203 -7.48 -0.43 7.30
C TYR A 203 -6.61 -0.46 6.05
N VAL A 204 -5.65 -1.37 6.01
CA VAL A 204 -4.65 -1.39 4.93
C VAL A 204 -3.94 -0.05 4.81
N ASP A 205 -4.25 0.73 3.77
CA ASP A 205 -3.56 2.02 3.57
C ASP A 205 -4.34 3.22 4.09
N ASP A 206 -5.47 2.98 4.76
CA ASP A 206 -6.31 4.07 5.28
C ASP A 206 -6.23 4.16 6.81
N LEU A 207 -5.69 5.28 7.30
CA LEU A 207 -5.46 5.45 8.73
C LEU A 207 -6.35 6.54 9.34
N LEU A 208 -6.90 6.25 10.51
CA LEU A 208 -7.60 7.25 11.30
C LEU A 208 -6.99 7.37 12.68
N LEU A 209 -6.55 8.56 13.04
CA LEU A 209 -6.02 8.82 14.36
C LEU A 209 -7.04 9.65 15.14
N ALA A 210 -7.38 9.22 16.35
CA ALA A 210 -8.39 9.89 17.16
C ALA A 210 -7.84 10.38 18.49
N ALA A 211 -8.27 11.57 18.90
CA ALA A 211 -7.79 12.17 20.14
C ALA A 211 -8.90 12.88 20.92
N THR A 212 -8.62 13.19 22.18
CA THR A 212 -9.59 13.86 23.04
C THR A 212 -9.64 15.37 22.79
N SER A 213 -8.49 15.96 22.49
CA SER A 213 -8.40 17.41 22.29
C SER A 213 -7.68 17.76 20.99
N GLU A 214 -7.95 18.96 20.49
CA GLU A 214 -7.28 19.48 19.30
C GLU A 214 -5.77 19.45 19.49
N LEU A 215 -5.33 19.69 20.73
CA LEU A 215 -3.90 19.68 21.05
C LEU A 215 -3.31 18.27 20.97
N ASP A 216 -4.00 17.31 21.61
CA ASP A 216 -3.57 15.92 21.56
C ASP A 216 -3.52 15.44 20.11
N CYS A 217 -4.51 15.86 19.34
CA CYS A 217 -4.61 15.43 17.95
C CYS A 217 -3.44 15.99 17.14
N GLN A 218 -3.13 17.27 17.36
CA GLN A 218 -2.08 17.91 16.57
C GLN A 218 -0.70 17.42 16.97
N GLN A 219 -0.51 17.08 18.24
CA GLN A 219 0.75 16.50 18.69
C GLN A 219 0.83 15.04 18.25
N GLY A 220 -0.29 14.34 18.32
CA GLY A 220 -0.37 12.98 17.84
C GLY A 220 -0.06 12.93 16.36
N THR A 221 -0.77 13.74 15.59
CA THR A 221 -0.61 13.78 14.14
C THR A 221 0.83 14.10 13.74
N ARG A 222 1.44 15.06 14.43
CA ARG A 222 2.84 15.36 14.19
C ARG A 222 3.73 14.14 14.42
N ALA A 223 3.43 13.38 15.47
CA ALA A 223 4.23 12.19 15.78
C ALA A 223 3.97 11.08 14.76
N LEU A 224 2.72 10.91 14.35
CA LEU A 224 2.39 9.87 13.38
C LEU A 224 3.05 10.15 12.04
N LEU A 225 2.99 11.39 11.60
CA LEU A 225 3.59 11.77 10.33
C LEU A 225 5.10 11.57 10.38
N GLN A 226 5.72 12.04 11.46
CA GLN A 226 7.16 11.90 11.61
C GLN A 226 7.56 10.42 11.62
N THR A 227 6.75 9.60 12.29
CA THR A 227 7.03 8.18 12.37
C THR A 227 6.87 7.51 11.00
N LEU A 228 5.77 7.81 10.31
CA LEU A 228 5.51 7.24 8.99
C LEU A 228 6.62 7.58 8.02
N GLY A 229 6.97 8.86 7.96
CA GLY A 229 8.05 9.31 7.10
C GLY A 229 9.35 8.58 7.41
N ASN A 230 9.64 8.44 8.69
CA ASN A 230 10.85 7.75 9.14
CA ASN A 230 10.86 7.75 9.11
C ASN A 230 10.91 6.28 8.68
N LEU A 231 9.76 5.61 8.74
CA LEU A 231 9.69 4.19 8.40
C LEU A 231 9.69 3.95 6.89
N GLY A 232 9.43 5.00 6.12
CA GLY A 232 9.44 4.91 4.66
C GLY A 232 8.09 4.86 3.98
N TYR A 233 7.02 5.16 4.72
CA TYR A 233 5.69 5.25 4.14
C TYR A 233 5.41 6.71 3.76
N ARG A 234 4.48 6.92 2.84
CA ARG A 234 4.17 8.27 2.36
C ARG A 234 2.67 8.48 2.33
N ALA A 235 2.22 9.57 2.95
CA ALA A 235 0.81 9.94 2.97
C ALA A 235 0.51 10.97 1.87
N SER A 236 -0.72 10.97 1.38
CA SER A 236 -1.18 11.96 0.42
C SER A 236 -1.50 13.30 1.10
N ALA A 237 -0.66 14.30 0.86
CA ALA A 237 -0.89 15.63 1.42
C ALA A 237 -2.20 16.20 0.91
N LYS A 238 -2.52 15.89 -0.34
CA LYS A 238 -3.70 16.43 -0.99
C LYS A 238 -4.98 15.99 -0.29
N LYS A 239 -5.02 14.72 0.09
CA LYS A 239 -6.25 14.12 0.60
C LYS A 239 -6.33 14.17 2.12
N ALA A 240 -5.23 14.52 2.76
CA ALA A 240 -5.16 14.53 4.22
C ALA A 240 -6.26 15.37 4.87
N GLN A 241 -6.94 14.79 5.85
CA GLN A 241 -7.88 15.52 6.71
C GLN A 241 -7.27 15.63 8.09
N ILE A 242 -6.77 16.82 8.43
CA ILE A 242 -5.99 16.99 9.64
C ILE A 242 -6.72 17.73 10.76
N CYS A 243 -6.80 17.08 11.93
CA CYS A 243 -7.38 17.67 13.13
C CYS A 243 -8.74 18.31 12.89
N GLN A 244 -9.66 17.53 12.34
CA GLN A 244 -11.02 18.00 12.09
C GLN A 244 -11.98 17.32 13.06
N LYS A 245 -13.09 18.00 13.35
CA LYS A 245 -14.11 17.45 14.23
C LYS A 245 -15.04 16.55 13.45
N GLN A 246 -14.84 16.55 12.14
CA GLN A 246 -15.63 15.73 11.23
C GLN A 246 -14.75 15.32 10.05
N VAL A 247 -14.74 14.03 9.72
CA VAL A 247 -13.95 13.53 8.61
C VAL A 247 -14.67 12.45 7.82
N LYS A 248 -14.19 12.19 6.61
CA LYS A 248 -14.61 11.02 5.86
C LYS A 248 -13.60 9.91 6.08
N TYR A 249 -14.07 8.74 6.52
CA TYR A 249 -13.20 7.59 6.70
C TYR A 249 -13.93 6.32 6.30
N LEU A 250 -13.35 5.61 5.33
CA LEU A 250 -13.90 4.35 4.85
C LEU A 250 -15.34 4.50 4.37
N GLY A 251 -15.64 5.65 3.76
CA GLY A 251 -16.97 5.88 3.22
C GLY A 251 -18.02 6.16 4.28
N TYR A 252 -17.56 6.48 5.49
CA TYR A 252 -18.44 6.96 6.54
C TYR A 252 -18.17 8.43 6.76
N LEU A 253 -19.17 9.15 7.26
CA LEU A 253 -18.90 10.48 7.76
C LEU A 253 -18.87 10.41 9.28
N LEU A 254 -17.71 10.72 9.85
CA LEU A 254 -17.52 10.70 11.29
C LEU A 254 -17.84 12.08 11.86
N LYS A 255 -18.87 12.15 12.69
CA LYS A 255 -19.31 13.40 13.27
C LYS A 255 -20.14 13.12 14.52
N GLU A 256 -20.03 14.00 15.51
CA GLU A 256 -20.78 13.86 16.75
C GLU A 256 -20.54 12.50 17.40
N GLY A 257 -19.50 11.79 16.95
CA GLY A 257 -19.26 10.44 17.42
C GLY A 257 -20.22 9.45 16.76
N GLN A 258 -20.95 9.94 15.76
CA GLN A 258 -21.89 9.09 15.04
C GLN A 258 -21.25 8.41 13.84
N ARG A 259 -21.60 7.15 13.65
CA ARG A 259 -21.10 6.31 12.56
C ARG A 259 -19.70 5.76 12.82
#